data_1HFU
#
_entry.id   1HFU
#
_cell.length_a   45.120
_cell.length_b   84.560
_cell.length_c   139.030
_cell.angle_alpha   90.00
_cell.angle_beta   90.00
_cell.angle_gamma   90.00
#
_symmetry.space_group_name_H-M   'P 21 21 21'
#
loop_
_entity.id
_entity.type
_entity.pdbx_description
1 polymer 'LACCASE 1'
2 branched alpha-D-mannopyranose-(1-2)-alpha-D-mannopyranose
3 branched 2-acetamido-2-deoxy-beta-D-glucopyranose-(1-4)-2-acetamido-2-deoxy-beta-D-glucopyranose
4 non-polymer 'COPPER (II) ION'
5 water water
#
_entity_poly.entity_id   1
_entity_poly.type   'polypeptide(L)'
_entity_poly.pdbx_seq_one_letter_code
;AIVNSVDTMTLTNANVSPDGFTRAGILVNGVHGPLIRGGKNDNFELNVVNDLDNPTMLRPTSIHWHGLFQRGTNWADGAD
GVNQCPISPGHAFLYKFTPAGHAGTFWYHSHFGTQYCDGLRGPMVIYDDNDPHAALYDEDDENTIITLADWYHIPAPSIQ
GAAQPDATLINGKGRYVGGPAAELSIVNVEQGKKYRMRLISLSCDPNWQFSIDGHELTIIEVDGELTEPHTVDRLQIFTG
QRYSFVLDANQPVDNYWIRAQPNKGRNGLAGTFANGVNSAILRYAGAANADPTTSANPNPAQLNEADLHALIDPAAPGIP
TPGAADVNLRFQLGFSGGRFTINGTAYESPSVPTLLQIMSGAQSANDLLPAGSVYELPRNQVVELVVPAGVLGGPHPFHL
HGHAFSVVRSAGSSTYNFVNPVKRDVVSLGVTGDEVTIRFVTDNPGPWFFHCHIEFHLMNGLAIVFAEDMANTVDANNPP
VEWAQLCEIYDDLPPEATSIQTV
;
_entity_poly.pdbx_strand_id   A
#
# COMPACT_ATOMS: atom_id res chain seq x y z
N ALA A 1 -2.73 -20.53 5.60
CA ALA A 1 -3.20 -19.11 5.58
C ALA A 1 -2.36 -18.11 6.32
N ILE A 2 -1.44 -18.46 7.23
CA ILE A 2 -0.70 -17.40 7.92
C ILE A 2 0.79 -17.55 7.67
N VAL A 3 1.46 -16.48 7.26
CA VAL A 3 2.90 -16.52 7.04
C VAL A 3 3.54 -15.93 8.28
N ASN A 4 4.51 -16.65 8.86
CA ASN A 4 5.15 -16.18 10.08
C ASN A 4 6.33 -15.27 9.77
N SER A 5 6.86 -14.62 10.78
CA SER A 5 7.97 -13.68 10.56
C SER A 5 9.22 -14.35 10.03
N VAL A 6 9.48 -15.60 10.38
CA VAL A 6 10.55 -16.39 9.80
C VAL A 6 9.79 -17.44 8.98
N ASP A 7 9.84 -17.41 7.65
CA ASP A 7 9.07 -18.38 6.88
C ASP A 7 9.50 -18.39 5.43
N THR A 8 8.84 -19.23 4.64
CA THR A 8 9.06 -19.31 3.20
C THR A 8 7.78 -18.85 2.50
N MET A 9 7.90 -18.04 1.47
CA MET A 9 6.74 -17.63 0.70
C MET A 9 6.93 -18.16 -0.73
N THR A 10 6.24 -19.26 -1.03
CA THR A 10 6.37 -19.87 -2.36
C THR A 10 5.30 -19.36 -3.30
N LEU A 11 5.73 -18.75 -4.39
CA LEU A 11 4.82 -18.12 -5.33
C LEU A 11 4.53 -19.09 -6.46
N THR A 12 3.25 -19.39 -6.66
CA THR A 12 2.86 -20.22 -7.83
C THR A 12 1.68 -19.59 -8.54
N ASN A 13 1.40 -20.06 -9.76
CA ASN A 13 0.22 -19.68 -10.48
C ASN A 13 -0.85 -20.76 -10.29
N ALA A 14 -2.10 -20.33 -10.26
CA ALA A 14 -3.23 -21.25 -10.10
C ALA A 14 -4.49 -20.60 -10.66
N ASN A 15 -5.54 -21.39 -10.89
CA ASN A 15 -6.78 -20.79 -11.38
C ASN A 15 -7.63 -20.42 -10.17
N VAL A 16 -8.14 -19.21 -10.19
CA VAL A 16 -8.83 -18.65 -9.01
C VAL A 16 -10.15 -18.05 -9.48
N SER A 17 -11.14 -17.94 -8.60
CA SER A 17 -12.47 -17.44 -8.88
C SER A 17 -13.09 -16.75 -7.67
N PRO A 18 -12.44 -15.70 -7.19
CA PRO A 18 -12.83 -15.00 -5.99
C PRO A 18 -14.20 -14.34 -6.08
N ASP A 19 -14.68 -14.07 -7.27
CA ASP A 19 -15.94 -13.45 -7.55
C ASP A 19 -16.82 -14.40 -8.40
N GLY A 20 -16.43 -15.66 -8.50
CA GLY A 20 -17.23 -16.62 -9.26
C GLY A 20 -16.84 -16.69 -10.72
N PHE A 21 -15.88 -15.86 -11.12
CA PHE A 21 -15.39 -15.93 -12.51
C PHE A 21 -14.01 -16.57 -12.44
N THR A 22 -13.70 -17.58 -13.26
CA THR A 22 -12.39 -18.20 -13.13
C THR A 22 -11.36 -17.57 -14.06
N ARG A 23 -10.17 -17.31 -13.50
CA ARG A 23 -9.04 -16.76 -14.24
C ARG A 23 -7.77 -17.29 -13.57
N ALA A 24 -6.65 -17.12 -14.28
CA ALA A 24 -5.37 -17.55 -13.71
C ALA A 24 -4.83 -16.43 -12.82
N GLY A 25 -4.27 -16.80 -11.67
CA GLY A 25 -3.79 -15.78 -10.73
C GLY A 25 -2.50 -16.25 -10.07
N ILE A 26 -2.23 -15.67 -8.91
CA ILE A 26 -0.99 -15.96 -8.20
C ILE A 26 -1.32 -16.32 -6.76
N LEU A 27 -0.69 -17.36 -6.24
CA LEU A 27 -0.92 -17.80 -4.87
C LEU A 27 0.40 -17.73 -4.07
N VAL A 28 0.32 -17.62 -2.77
CA VAL A 28 1.48 -17.57 -1.90
C VAL A 28 1.29 -18.73 -0.92
N ASN A 29 2.10 -19.76 -0.93
CA ASN A 29 1.94 -20.93 -0.11
C ASN A 29 0.56 -21.59 -0.31
N GLY A 30 0.10 -21.61 -1.55
CA GLY A 30 -1.14 -22.21 -1.98
C GLY A 30 -2.41 -21.47 -1.63
N VAL A 31 -2.28 -20.24 -1.17
CA VAL A 31 -3.34 -19.40 -0.64
C VAL A 31 -3.34 -18.05 -1.35
N HIS A 32 -4.52 -17.46 -1.46
CA HIS A 32 -4.66 -16.16 -2.08
C HIS A 32 -4.41 -15.02 -1.09
N GLY A 33 -3.27 -14.37 -1.15
CA GLY A 33 -2.90 -13.27 -0.29
C GLY A 33 -2.96 -13.51 1.21
N PRO A 34 -2.27 -14.52 1.72
CA PRO A 34 -2.20 -14.86 3.12
C PRO A 34 -1.65 -13.70 3.95
N LEU A 35 -2.03 -13.64 5.21
CA LEU A 35 -1.55 -12.64 6.15
C LEU A 35 -0.12 -12.93 6.59
N ILE A 36 0.74 -11.92 6.66
CA ILE A 36 2.03 -12.10 7.29
C ILE A 36 1.91 -11.43 8.66
N ARG A 37 2.35 -12.11 9.74
CA ARG A 37 2.25 -11.37 11.00
C ARG A 37 3.48 -11.56 11.87
N GLY A 38 3.75 -10.57 12.70
CA GLY A 38 4.89 -10.70 13.60
C GLY A 38 4.82 -9.60 14.65
N GLY A 39 5.86 -9.50 15.46
CA GLY A 39 5.92 -8.51 16.53
C GLY A 39 6.88 -7.42 16.11
N LYS A 40 6.81 -6.26 16.77
CA LYS A 40 7.58 -5.10 16.38
C LYS A 40 9.10 -5.18 16.46
N ASN A 41 9.61 -6.09 17.28
CA ASN A 41 11.05 -6.28 17.42
C ASN A 41 11.50 -7.55 16.69
N ASP A 42 10.63 -8.20 15.93
CA ASP A 42 11.00 -9.43 15.26
C ASP A 42 12.08 -9.23 14.19
N ASN A 43 12.91 -10.25 14.06
CA ASN A 43 13.89 -10.30 12.98
C ASN A 43 13.28 -11.15 11.88
N PHE A 44 12.65 -10.50 10.88
CA PHE A 44 12.02 -11.25 9.80
C PHE A 44 13.02 -11.87 8.85
N GLU A 45 12.73 -13.09 8.42
CA GLU A 45 13.56 -13.81 7.46
C GLU A 45 12.55 -14.50 6.55
N LEU A 46 12.27 -13.90 5.43
CA LEU A 46 11.27 -14.40 4.49
C LEU A 46 11.90 -14.85 3.19
N ASN A 47 11.94 -16.17 2.99
CA ASN A 47 12.52 -16.67 1.74
C ASN A 47 11.44 -16.64 0.68
N VAL A 48 11.59 -15.76 -0.28
CA VAL A 48 10.59 -15.65 -1.36
C VAL A 48 11.02 -16.55 -2.50
N VAL A 49 10.26 -17.61 -2.74
CA VAL A 49 10.63 -18.63 -3.74
C VAL A 49 9.79 -18.38 -4.98
N ASN A 50 10.44 -18.00 -6.07
CA ASN A 50 9.64 -17.66 -7.26
C ASN A 50 9.41 -18.91 -8.11
N ASP A 51 8.23 -19.50 -8.04
CA ASP A 51 7.88 -20.65 -8.89
C ASP A 51 6.84 -20.25 -9.92
N LEU A 52 6.74 -18.98 -10.27
CA LEU A 52 5.81 -18.51 -11.29
C LEU A 52 6.19 -19.05 -12.68
N ASP A 53 5.19 -19.57 -13.40
CA ASP A 53 5.46 -20.10 -14.73
C ASP A 53 4.38 -19.78 -15.75
N ASN A 54 3.32 -19.04 -15.39
CA ASN A 54 2.28 -18.70 -16.34
C ASN A 54 2.69 -17.41 -17.02
N PRO A 55 2.96 -17.48 -18.31
CA PRO A 55 3.38 -16.38 -19.14
C PRO A 55 2.34 -15.32 -19.44
N THR A 56 1.07 -15.47 -19.07
CA THR A 56 0.09 -14.41 -19.27
C THR A 56 0.17 -13.39 -18.13
N MET A 57 1.00 -13.66 -17.14
CA MET A 57 1.25 -12.69 -16.07
C MET A 57 2.76 -12.50 -16.01
N LEU A 58 3.23 -11.45 -15.38
CA LEU A 58 4.68 -11.28 -15.21
C LEU A 58 5.22 -12.44 -14.39
N ARG A 59 6.44 -12.92 -14.71
CA ARG A 59 7.04 -14.06 -14.02
C ARG A 59 8.11 -13.72 -13.00
N PRO A 60 9.07 -12.87 -13.32
CA PRO A 60 10.03 -12.38 -12.32
C PRO A 60 9.23 -11.62 -11.25
N THR A 61 9.83 -11.42 -10.06
CA THR A 61 9.09 -10.69 -9.04
C THR A 61 10.01 -9.91 -8.10
N SER A 62 9.37 -9.10 -7.25
CA SER A 62 10.11 -8.40 -6.19
C SER A 62 9.07 -7.99 -5.16
N ILE A 63 9.31 -8.19 -3.87
CA ILE A 63 8.25 -7.83 -2.91
C ILE A 63 8.57 -6.62 -2.05
N HIS A 64 7.64 -5.65 -2.03
CA HIS A 64 7.77 -4.50 -1.16
C HIS A 64 6.95 -4.73 0.13
N TRP A 65 7.52 -4.38 1.26
CA TRP A 65 6.87 -4.58 2.59
C TRP A 65 6.42 -3.17 2.98
N HIS A 66 5.26 -2.81 2.46
CA HIS A 66 4.81 -1.44 2.48
C HIS A 66 4.61 -0.84 3.86
N GLY A 67 5.36 0.19 4.15
CA GLY A 67 5.22 0.95 5.40
C GLY A 67 6.44 0.73 6.30
N LEU A 68 7.22 -0.29 6.05
CA LEU A 68 8.42 -0.54 6.88
C LEU A 68 9.53 0.37 6.35
N PHE A 69 10.25 1.03 7.26
CA PHE A 69 11.23 2.03 6.84
C PHE A 69 12.50 1.40 6.28
N GLN A 70 12.77 0.17 6.66
CA GLN A 70 13.91 -0.59 6.18
C GLN A 70 15.22 0.14 6.51
N ARG A 71 15.34 0.76 7.66
CA ARG A 71 16.59 1.47 8.00
C ARG A 71 17.75 0.49 8.08
N GLY A 72 18.77 0.75 7.27
CA GLY A 72 19.91 -0.18 7.21
C GLY A 72 19.67 -1.42 6.37
N THR A 73 18.52 -1.60 5.75
CA THR A 73 18.16 -2.77 4.96
C THR A 73 17.47 -2.30 3.69
N ASN A 74 18.05 -1.25 3.08
CA ASN A 74 17.48 -0.70 1.84
C ASN A 74 17.39 -1.76 0.77
N TRP A 75 18.32 -2.70 0.73
CA TRP A 75 18.29 -3.80 -0.23
C TRP A 75 17.10 -4.75 -0.07
N ALA A 76 16.36 -4.69 1.02
CA ALA A 76 15.17 -5.54 1.20
C ALA A 76 13.89 -4.79 0.89
N ASP A 77 13.91 -3.51 0.51
CA ASP A 77 12.72 -2.69 0.33
C ASP A 77 11.87 -3.13 -0.86
N GLY A 78 12.44 -3.78 -1.86
CA GLY A 78 11.63 -4.38 -2.91
C GLY A 78 11.28 -3.67 -4.18
N ALA A 79 11.55 -2.39 -4.34
CA ALA A 79 11.19 -1.76 -5.62
C ALA A 79 12.27 -2.15 -6.64
N ASP A 80 11.80 -2.90 -7.62
CA ASP A 80 12.65 -3.30 -8.72
C ASP A 80 13.23 -2.03 -9.35
N GLY A 81 14.50 -1.98 -9.70
CA GLY A 81 15.08 -0.81 -10.34
C GLY A 81 15.62 0.23 -9.38
N VAL A 82 15.20 0.09 -8.10
CA VAL A 82 15.64 1.04 -7.08
C VAL A 82 16.43 0.29 -6.00
N ASN A 83 15.79 -0.72 -5.38
CA ASN A 83 16.44 -1.49 -4.32
C ASN A 83 16.98 -2.85 -4.71
N GLN A 84 16.49 -3.48 -5.77
CA GLN A 84 17.00 -4.77 -6.20
C GLN A 84 16.66 -5.02 -7.66
N CYS A 85 17.25 -6.06 -8.26
CA CYS A 85 16.76 -6.54 -9.53
C CYS A 85 15.72 -7.59 -9.11
N PRO A 86 14.85 -7.98 -10.01
CA PRO A 86 13.81 -8.97 -9.72
C PRO A 86 14.38 -10.34 -9.42
N ILE A 87 13.66 -11.15 -8.66
CA ILE A 87 13.96 -12.54 -8.35
C ILE A 87 13.46 -13.33 -9.57
N SER A 88 14.32 -14.12 -10.19
CA SER A 88 13.91 -14.81 -11.41
C SER A 88 13.17 -16.10 -11.13
N PRO A 89 12.32 -16.49 -12.06
CA PRO A 89 11.59 -17.76 -12.00
C PRO A 89 12.56 -18.91 -11.78
N GLY A 90 12.30 -19.73 -10.78
CA GLY A 90 13.07 -20.90 -10.41
C GLY A 90 14.19 -20.60 -9.42
N HIS A 91 14.19 -19.36 -8.90
CA HIS A 91 15.18 -18.93 -7.94
C HIS A 91 14.43 -18.33 -6.74
N ALA A 92 15.16 -18.11 -5.65
CA ALA A 92 14.57 -17.56 -4.45
C ALA A 92 15.46 -16.44 -3.93
N PHE A 93 14.89 -15.68 -3.00
CA PHE A 93 15.67 -14.60 -2.37
C PHE A 93 15.19 -14.46 -0.93
N LEU A 94 16.12 -14.40 -0.01
CA LEU A 94 15.86 -14.29 1.40
C LEU A 94 15.93 -12.85 1.88
N TYR A 95 14.74 -12.28 2.08
CA TYR A 95 14.66 -10.93 2.64
C TYR A 95 14.80 -11.01 4.16
N LYS A 96 15.65 -10.10 4.68
CA LYS A 96 15.83 -10.07 6.14
C LYS A 96 15.68 -8.61 6.56
N PHE A 97 14.84 -8.40 7.58
CA PHE A 97 14.68 -7.03 8.07
C PHE A 97 13.93 -7.08 9.40
N THR A 98 13.79 -5.91 10.01
CA THR A 98 13.02 -5.80 11.23
C THR A 98 12.23 -4.51 11.23
N PRO A 99 11.08 -4.51 11.87
CA PRO A 99 10.25 -3.33 12.08
C PRO A 99 10.97 -2.36 12.99
N ALA A 100 11.92 -2.84 13.81
CA ALA A 100 12.73 -2.01 14.70
C ALA A 100 11.88 -1.19 15.65
N GLY A 101 10.89 -1.85 16.23
CA GLY A 101 10.00 -1.16 17.17
C GLY A 101 8.77 -0.54 16.56
N HIS A 102 8.61 -0.60 15.26
CA HIS A 102 7.49 0.00 14.53
C HIS A 102 6.34 -0.97 14.35
N ALA A 103 5.32 -0.80 15.20
CA ALA A 103 4.15 -1.65 15.15
C ALA A 103 3.16 -0.96 14.19
N GLY A 104 2.25 -1.78 13.65
CA GLY A 104 1.23 -1.16 12.79
C GLY A 104 0.61 -2.13 11.78
N THR A 105 -0.25 -1.54 10.93
CA THR A 105 -0.94 -2.29 9.89
C THR A 105 -0.28 -1.95 8.55
N PHE A 106 0.25 -2.97 7.91
CA PHE A 106 1.02 -2.83 6.69
C PHE A 106 0.47 -3.80 5.66
N TRP A 107 1.18 -3.95 4.53
CA TRP A 107 0.78 -4.93 3.55
C TRP A 107 2.03 -5.22 2.68
N TYR A 108 2.05 -6.39 2.06
CA TYR A 108 3.18 -6.72 1.18
C TYR A 108 2.60 -6.79 -0.24
N HIS A 109 3.40 -6.59 -1.27
CA HIS A 109 2.89 -6.69 -2.62
C HIS A 109 4.09 -6.73 -3.58
N SER A 110 3.80 -7.34 -4.72
CA SER A 110 4.90 -7.29 -5.72
C SER A 110 5.12 -5.83 -6.10
N HIS A 111 6.37 -5.49 -6.38
CA HIS A 111 6.77 -4.16 -6.79
C HIS A 111 7.53 -4.28 -8.10
N PHE A 112 7.03 -5.20 -8.92
CA PHE A 112 7.57 -5.42 -10.27
C PHE A 112 6.43 -5.23 -11.27
N GLY A 113 6.46 -4.15 -12.06
CA GLY A 113 5.41 -3.90 -13.04
C GLY A 113 4.03 -3.89 -12.36
N THR A 114 3.04 -4.32 -13.11
CA THR A 114 1.68 -4.36 -12.52
C THR A 114 1.34 -5.73 -11.96
N GLN A 115 2.28 -6.56 -11.64
CA GLN A 115 2.05 -7.89 -11.09
C GLN A 115 1.19 -7.92 -9.84
N TYR A 116 1.26 -6.92 -8.92
CA TYR A 116 0.42 -7.15 -7.72
C TYR A 116 -1.06 -7.05 -8.03
N CYS A 117 -1.46 -6.47 -9.17
CA CYS A 117 -2.84 -6.38 -9.57
C CYS A 117 -3.39 -7.78 -9.88
N ASP A 118 -2.52 -8.75 -10.13
CA ASP A 118 -2.93 -10.12 -10.37
C ASP A 118 -3.07 -10.90 -9.07
N GLY A 119 -2.96 -10.24 -7.90
CA GLY A 119 -3.17 -10.96 -6.65
C GLY A 119 -1.94 -11.19 -5.81
N LEU A 120 -0.73 -10.76 -6.24
CA LEU A 120 0.45 -10.98 -5.42
C LEU A 120 0.58 -9.83 -4.43
N ARG A 121 -0.18 -9.96 -3.37
CA ARG A 121 -0.33 -8.94 -2.33
C ARG A 121 -1.10 -9.52 -1.16
N GLY A 122 -0.92 -8.96 0.04
CA GLY A 122 -1.71 -9.47 1.18
C GLY A 122 -1.49 -8.56 2.36
N PRO A 123 -2.18 -8.75 3.46
CA PRO A 123 -2.02 -7.96 4.65
C PRO A 123 -0.77 -8.35 5.42
N MET A 124 -0.18 -7.40 6.15
CA MET A 124 0.97 -7.65 7.02
C MET A 124 0.79 -6.86 8.32
N VAL A 125 0.55 -7.54 9.44
CA VAL A 125 0.28 -6.83 10.70
C VAL A 125 1.42 -7.07 11.68
N ILE A 126 1.91 -6.00 12.26
CA ILE A 126 2.98 -6.01 13.24
C ILE A 126 2.40 -5.54 14.57
N TYR A 127 2.23 -6.48 15.50
CA TYR A 127 1.63 -6.12 16.79
C TYR A 127 2.64 -5.53 17.77
N ASP A 128 2.09 -4.73 18.69
CA ASP A 128 2.84 -4.04 19.69
C ASP A 128 2.65 -4.74 21.05
N ASP A 129 3.71 -4.93 21.82
CA ASP A 129 3.51 -5.53 23.15
C ASP A 129 3.17 -4.49 24.21
N ASN A 130 3.13 -3.23 23.84
CA ASN A 130 2.87 -2.11 24.74
C ASN A 130 1.98 -1.10 24.05
N ASP A 131 0.98 -1.59 23.31
CA ASP A 131 0.16 -0.67 22.53
C ASP A 131 -0.54 0.38 23.37
N PRO A 132 -0.32 1.65 23.01
CA PRO A 132 -0.93 2.79 23.66
C PRO A 132 -2.45 2.79 23.68
N HIS A 133 -3.11 2.16 22.68
CA HIS A 133 -4.57 2.16 22.61
C HIS A 133 -5.20 0.86 23.07
N ALA A 134 -4.43 0.00 23.72
CA ALA A 134 -4.91 -1.31 24.12
C ALA A 134 -6.19 -1.34 24.92
N ALA A 135 -6.47 -0.37 25.75
CA ALA A 135 -7.65 -0.29 26.59
C ALA A 135 -8.91 -0.04 25.77
N LEU A 136 -8.77 0.42 24.53
CA LEU A 136 -9.93 0.75 23.70
C LEU A 136 -10.59 -0.45 23.05
N TYR A 137 -10.00 -1.62 23.06
CA TYR A 137 -10.60 -2.80 22.43
C TYR A 137 -10.25 -4.10 23.13
N ASP A 138 -11.08 -5.12 22.86
CA ASP A 138 -10.95 -6.44 23.48
C ASP A 138 -10.25 -7.41 22.58
N GLU A 139 -10.46 -7.28 21.25
CA GLU A 139 -9.94 -8.21 20.29
C GLU A 139 -9.20 -7.56 19.13
N ASP A 140 -8.16 -8.30 18.72
CA ASP A 140 -7.37 -7.78 17.58
C ASP A 140 -6.59 -9.00 17.09
N ASP A 141 -7.04 -9.60 16.01
CA ASP A 141 -6.37 -10.83 15.56
C ASP A 141 -6.55 -11.06 14.10
N GLU A 142 -6.35 -12.29 13.59
CA GLU A 142 -6.44 -12.56 12.17
C GLU A 142 -7.87 -12.41 11.63
N ASN A 143 -8.83 -12.38 12.54
CA ASN A 143 -10.23 -12.20 12.26
C ASN A 143 -10.73 -10.77 12.42
N THR A 144 -9.89 -9.79 12.66
CA THR A 144 -10.30 -8.40 12.74
C THR A 144 -9.59 -7.65 11.58
N ILE A 145 -9.16 -8.36 10.54
CA ILE A 145 -8.55 -7.68 9.39
C ILE A 145 -9.57 -7.61 8.26
N ILE A 146 -9.64 -6.46 7.60
CA ILE A 146 -10.54 -6.29 6.48
C ILE A 146 -9.70 -5.71 5.31
N THR A 147 -9.45 -6.56 4.35
CA THR A 147 -8.72 -6.08 3.17
C THR A 147 -9.71 -5.70 2.06
N LEU A 148 -9.31 -4.76 1.22
CA LEU A 148 -10.07 -4.32 0.05
C LEU A 148 -9.18 -4.45 -1.18
N ALA A 149 -9.71 -5.14 -2.21
CA ALA A 149 -8.87 -5.35 -3.38
C ALA A 149 -9.68 -5.19 -4.65
N ASP A 150 -9.04 -4.59 -5.65
CA ASP A 150 -9.65 -4.40 -6.97
C ASP A 150 -9.40 -5.71 -7.73
N TRP A 151 -10.40 -6.30 -8.38
CA TRP A 151 -10.15 -7.57 -9.07
C TRP A 151 -10.60 -7.44 -10.53
N TYR A 152 -9.70 -7.88 -11.42
CA TYR A 152 -9.94 -7.78 -12.84
C TYR A 152 -10.08 -9.18 -13.44
N HIS A 153 -10.94 -9.28 -14.47
CA HIS A 153 -11.09 -10.62 -15.05
C HIS A 153 -10.01 -10.97 -16.05
N ILE A 154 -9.19 -10.01 -16.46
CA ILE A 154 -8.09 -10.29 -17.39
C ILE A 154 -6.76 -10.03 -16.69
N PRO A 155 -5.78 -10.89 -16.86
CA PRO A 155 -4.44 -10.71 -16.35
C PRO A 155 -3.94 -9.31 -16.73
N ALA A 156 -3.21 -8.69 -15.81
CA ALA A 156 -2.69 -7.35 -15.88
C ALA A 156 -1.95 -6.96 -17.15
N PRO A 157 -1.12 -7.82 -17.68
CA PRO A 157 -0.41 -7.52 -18.92
C PRO A 157 -1.39 -7.35 -20.07
N SER A 158 -2.57 -7.97 -20.02
CA SER A 158 -3.51 -7.83 -21.12
C SER A 158 -4.60 -6.80 -20.96
N ILE A 159 -4.53 -5.97 -19.94
CA ILE A 159 -5.58 -4.95 -19.75
C ILE A 159 -5.60 -3.94 -20.87
N GLN A 160 -6.77 -3.58 -21.39
CA GLN A 160 -7.00 -2.67 -22.48
C GLN A 160 -7.39 -1.29 -21.95
N GLN A 164 -10.35 -0.73 -14.88
CA GLN A 164 -11.70 -0.80 -14.37
C GLN A 164 -12.00 -2.18 -13.84
N PRO A 165 -11.93 -2.22 -12.85
CA PRO A 165 -12.16 -3.33 -11.94
C PRO A 165 -13.51 -4.01 -12.19
N ASP A 166 -13.49 -5.31 -12.27
CA ASP A 166 -14.76 -6.06 -12.38
C ASP A 166 -15.41 -6.21 -11.02
N ALA A 167 -14.62 -6.34 -9.97
CA ALA A 167 -15.22 -6.52 -8.65
C ALA A 167 -14.36 -5.90 -7.55
N THR A 168 -15.02 -5.65 -6.43
CA THR A 168 -14.35 -5.28 -5.19
C THR A 168 -14.28 -6.57 -4.39
N LEU A 169 -13.11 -6.97 -3.96
CA LEU A 169 -13.00 -8.12 -3.08
C LEU A 169 -12.80 -7.60 -1.64
N ILE A 170 -13.63 -8.11 -0.71
CA ILE A 170 -13.47 -7.77 0.70
C ILE A 170 -13.05 -9.05 1.40
N ASN A 171 -11.86 -9.08 1.99
CA ASN A 171 -11.30 -10.30 2.55
C ASN A 171 -11.30 -11.41 1.50
N GLY A 172 -10.88 -11.05 0.28
CA GLY A 172 -10.72 -11.96 -0.83
C GLY A 172 -11.98 -12.44 -1.52
N LYS A 173 -13.15 -11.93 -1.17
CA LYS A 173 -14.40 -12.38 -1.80
C LYS A 173 -15.29 -11.24 -2.24
N GLY A 174 -16.03 -11.38 -3.33
CA GLY A 174 -16.93 -10.28 -3.76
C GLY A 174 -17.66 -10.73 -5.03
N ARG A 175 -18.48 -9.81 -5.54
CA ARG A 175 -19.24 -10.17 -6.73
C ARG A 175 -19.02 -9.14 -7.82
N TYR A 176 -19.25 -9.54 -9.09
CA TYR A 176 -19.20 -8.55 -10.17
C TYR A 176 -20.62 -8.30 -10.69
N VAL A 177 -20.83 -7.12 -11.29
CA VAL A 177 -22.20 -6.85 -11.78
C VAL A 177 -22.54 -7.84 -12.90
N GLY A 178 -23.64 -8.57 -12.68
CA GLY A 178 -24.08 -9.59 -13.63
C GLY A 178 -23.50 -10.95 -13.34
N GLY A 179 -22.64 -11.07 -12.30
CA GLY A 179 -22.04 -12.33 -11.95
C GLY A 179 -22.91 -13.21 -11.08
N PRO A 180 -22.44 -14.40 -10.79
CA PRO A 180 -23.09 -15.36 -9.93
C PRO A 180 -23.11 -14.82 -8.51
N ALA A 181 -23.95 -15.37 -7.66
CA ALA A 181 -24.03 -14.94 -6.25
C ALA A 181 -22.94 -15.63 -5.44
N ALA A 182 -21.71 -15.29 -5.78
CA ALA A 182 -20.52 -15.81 -5.13
C ALA A 182 -20.60 -15.54 -3.63
N GLU A 183 -19.95 -16.41 -2.89
CA GLU A 183 -19.94 -16.27 -1.43
C GLU A 183 -19.29 -14.95 -1.03
N LEU A 184 -19.94 -14.28 -0.10
CA LEU A 184 -19.43 -13.03 0.46
C LEU A 184 -18.69 -13.32 1.77
N SER A 185 -17.73 -12.45 2.07
CA SER A 185 -16.97 -12.57 3.29
C SER A 185 -17.79 -12.23 4.52
N ILE A 186 -17.47 -12.84 5.64
CA ILE A 186 -18.17 -12.61 6.89
C ILE A 186 -17.15 -12.15 7.93
N VAL A 187 -17.46 -11.06 8.60
CA VAL A 187 -16.63 -10.57 9.70
C VAL A 187 -17.48 -10.83 10.95
N ASN A 188 -16.97 -11.67 11.84
CA ASN A 188 -17.73 -12.06 13.03
C ASN A 188 -17.49 -11.20 14.25
N VAL A 189 -18.55 -10.77 14.94
CA VAL A 189 -18.40 -10.00 16.16
C VAL A 189 -19.41 -10.45 17.22
N GLU A 190 -19.09 -10.12 18.48
CA GLU A 190 -20.02 -10.50 19.57
C GLU A 190 -20.53 -9.22 20.22
N GLN A 191 -21.85 -9.06 20.36
CA GLN A 191 -22.40 -7.85 20.95
C GLN A 191 -21.71 -7.52 22.27
N GLY A 192 -21.39 -6.25 22.43
CA GLY A 192 -20.78 -5.71 23.64
C GLY A 192 -19.26 -5.67 23.65
N LYS A 193 -18.63 -6.32 22.68
CA LYS A 193 -17.19 -6.35 22.58
C LYS A 193 -16.71 -5.26 21.61
N LYS A 194 -15.40 -4.97 21.71
CA LYS A 194 -14.80 -3.93 20.89
C LYS A 194 -13.60 -4.57 20.18
N TYR A 195 -13.48 -4.21 18.90
CA TYR A 195 -12.52 -4.84 18.02
C TYR A 195 -11.59 -3.82 17.38
N ARG A 196 -10.30 -4.15 17.29
CA ARG A 196 -9.42 -3.29 16.51
C ARG A 196 -9.49 -3.80 15.07
N MET A 197 -10.34 -3.24 14.22
CA MET A 197 -10.45 -3.66 12.83
C MET A 197 -9.34 -2.98 12.04
N ARG A 198 -8.65 -3.83 11.25
CA ARG A 198 -7.51 -3.26 10.50
C ARG A 198 -7.88 -3.28 9.02
N LEU A 199 -8.20 -2.09 8.52
CA LEU A 199 -8.68 -1.91 7.14
C LEU A 199 -7.50 -1.57 6.24
N ILE A 200 -7.32 -2.40 5.22
CA ILE A 200 -6.15 -2.28 4.36
C ILE A 200 -6.57 -2.22 2.89
N SER A 201 -6.12 -1.21 2.15
CA SER A 201 -6.34 -1.16 0.71
C SER A 201 -5.21 -1.91 0.02
N LEU A 202 -5.47 -2.97 -0.72
CA LEU A 202 -4.44 -3.66 -1.49
C LEU A 202 -4.55 -3.19 -2.94
N SER A 203 -5.25 -2.07 -3.15
CA SER A 203 -5.59 -1.64 -4.49
C SER A 203 -4.46 -1.26 -5.44
N CYS A 204 -4.69 -1.63 -6.70
CA CYS A 204 -3.82 -1.19 -7.79
C CYS A 204 -4.28 0.13 -8.38
N ASP A 205 -5.52 0.53 -8.09
CA ASP A 205 -6.05 1.76 -8.67
C ASP A 205 -7.16 2.42 -7.88
N PRO A 206 -8.36 1.83 -7.83
CA PRO A 206 -9.50 2.49 -7.26
C PRO A 206 -9.36 2.82 -5.79
N ASN A 207 -10.08 3.85 -5.38
CA ASN A 207 -10.20 4.15 -3.95
C ASN A 207 -11.64 3.69 -3.63
N TRP A 208 -11.90 3.46 -2.34
CA TRP A 208 -13.23 3.07 -1.92
C TRP A 208 -13.82 3.97 -0.84
N GLN A 209 -15.12 4.14 -0.84
CA GLN A 209 -15.84 4.79 0.26
C GLN A 209 -16.28 3.60 1.14
N PHE A 210 -15.73 3.56 2.33
CA PHE A 210 -15.95 2.45 3.25
C PHE A 210 -16.84 2.87 4.42
N SER A 211 -17.84 2.01 4.67
CA SER A 211 -18.73 2.24 5.82
C SER A 211 -19.33 0.92 6.26
N ILE A 212 -19.88 0.88 7.47
CA ILE A 212 -20.51 -0.35 7.98
C ILE A 212 -21.88 0.08 8.51
N ASP A 213 -22.95 -0.49 7.95
CA ASP A 213 -24.29 -0.06 8.37
C ASP A 213 -24.43 -0.23 9.88
N GLY A 214 -25.04 0.79 10.48
CA GLY A 214 -25.33 0.88 11.89
C GLY A 214 -24.18 1.14 12.82
N HIS A 215 -22.94 1.19 12.30
CA HIS A 215 -21.76 1.32 13.14
C HIS A 215 -20.88 2.51 12.76
N GLU A 216 -20.12 2.94 13.76
CA GLU A 216 -19.17 4.03 13.56
C GLU A 216 -17.78 3.42 13.48
N LEU A 217 -16.86 4.24 12.98
CA LEU A 217 -15.46 3.81 12.82
C LEU A 217 -14.57 4.69 13.66
N THR A 218 -14.02 4.19 14.77
CA THR A 218 -13.17 5.02 15.63
C THR A 218 -11.70 4.85 15.24
N ILE A 219 -11.24 5.77 14.39
CA ILE A 219 -9.88 5.64 13.84
C ILE A 219 -8.80 5.88 14.87
N ILE A 220 -7.86 4.93 14.98
CA ILE A 220 -6.81 5.02 16.01
C ILE A 220 -5.42 4.82 15.44
N GLU A 221 -5.37 4.44 14.16
CA GLU A 221 -4.10 4.24 13.49
C GLU A 221 -4.28 4.56 12.03
N VAL A 222 -3.26 5.21 11.42
CA VAL A 222 -3.34 5.54 10.01
C VAL A 222 -2.00 5.14 9.40
N ASP A 223 -1.96 4.29 8.38
CA ASP A 223 -0.72 3.91 7.74
C ASP A 223 0.44 3.62 8.71
N GLY A 224 0.22 2.76 9.72
CA GLY A 224 1.26 2.38 10.67
C GLY A 224 1.67 3.47 11.65
N GLU A 225 0.85 4.48 11.87
CA GLU A 225 1.06 5.60 12.76
C GLU A 225 -0.14 5.82 13.65
N LEU A 226 0.08 5.79 14.97
CA LEU A 226 -1.11 6.00 15.82
C LEU A 226 -1.67 7.41 15.74
N THR A 227 -2.99 7.55 15.94
CA THR A 227 -3.61 8.84 16.00
C THR A 227 -4.42 8.97 17.30
N GLU A 228 -4.82 10.18 17.67
CA GLU A 228 -5.87 10.29 18.70
C GLU A 228 -7.10 9.64 18.08
N PRO A 229 -7.94 9.02 18.90
CA PRO A 229 -9.16 8.37 18.42
C PRO A 229 -10.09 9.39 17.79
N HIS A 230 -10.45 9.17 16.53
CA HIS A 230 -11.27 10.09 15.77
C HIS A 230 -12.36 9.26 15.10
N THR A 231 -13.61 9.55 15.48
CA THR A 231 -14.71 8.72 15.02
C THR A 231 -15.47 9.36 13.87
N VAL A 232 -15.69 8.56 12.81
CA VAL A 232 -16.44 8.92 11.62
C VAL A 232 -17.44 7.83 11.23
N ASP A 233 -18.30 8.07 10.25
CA ASP A 233 -19.21 6.98 9.82
C ASP A 233 -18.71 6.41 8.48
N ARG A 234 -17.91 7.19 7.79
CA ARG A 234 -17.49 6.79 6.42
C ARG A 234 -16.15 7.39 6.06
N LEU A 235 -15.34 6.60 5.36
CA LEU A 235 -14.01 7.17 5.01
C LEU A 235 -13.68 6.74 3.61
N GLN A 236 -12.89 7.56 2.92
CA GLN A 236 -12.39 7.20 1.60
C GLN A 236 -10.95 6.71 1.79
N ILE A 237 -10.70 5.53 1.25
CA ILE A 237 -9.37 4.92 1.39
C ILE A 237 -8.75 4.69 0.02
N PHE A 238 -7.54 5.25 -0.13
CA PHE A 238 -6.77 5.19 -1.36
C PHE A 238 -5.74 4.09 -1.39
N THR A 239 -5.23 3.81 -2.61
CA THR A 239 -4.28 2.72 -2.81
C THR A 239 -3.21 2.62 -1.71
N GLY A 240 -3.20 1.46 -1.07
CA GLY A 240 -2.17 1.15 -0.09
C GLY A 240 -2.26 1.88 1.25
N GLN A 241 -3.34 2.60 1.51
CA GLN A 241 -3.51 3.20 2.84
C GLN A 241 -4.11 2.15 3.76
N ARG A 242 -3.92 2.38 5.07
CA ARG A 242 -4.45 1.51 6.11
C ARG A 242 -5.02 2.37 7.24
N TYR A 243 -6.08 1.81 7.84
CA TYR A 243 -6.68 2.43 9.00
C TYR A 243 -7.00 1.34 10.03
N SER A 244 -6.64 1.58 11.28
CA SER A 244 -7.23 0.71 12.31
C SER A 244 -8.41 1.55 12.86
N PHE A 245 -9.55 0.91 12.96
CA PHE A 245 -10.68 1.58 13.64
C PHE A 245 -11.22 0.59 14.67
N VAL A 246 -11.58 1.19 15.82
CA VAL A 246 -12.25 0.34 16.82
C VAL A 246 -13.72 0.25 16.37
N LEU A 247 -14.19 -0.98 16.32
CA LEU A 247 -15.58 -1.26 16.01
C LEU A 247 -16.21 -1.68 17.36
N ASP A 248 -17.15 -0.91 17.79
CA ASP A 248 -17.89 -1.11 19.04
C ASP A 248 -19.16 -1.84 18.62
N ALA A 249 -19.27 -3.14 18.89
CA ALA A 249 -20.41 -3.95 18.48
C ALA A 249 -21.57 -3.64 19.45
N ASN A 250 -22.09 -2.43 19.28
CA ASN A 250 -23.11 -1.91 20.19
C ASN A 250 -24.49 -1.82 19.58
N GLN A 251 -24.77 -2.57 18.52
CA GLN A 251 -26.08 -2.59 17.89
C GLN A 251 -26.78 -3.90 18.23
N PRO A 252 -28.04 -3.99 17.88
CA PRO A 252 -28.79 -5.24 18.07
C PRO A 252 -28.13 -6.40 17.34
N VAL A 253 -28.20 -7.58 17.90
CA VAL A 253 -27.69 -8.80 17.23
C VAL A 253 -28.35 -8.92 15.87
N ASP A 254 -27.56 -8.88 14.81
CA ASP A 254 -28.12 -8.90 13.44
C ASP A 254 -26.97 -9.00 12.44
N ASN A 255 -27.30 -9.03 11.18
CA ASN A 255 -26.31 -8.98 10.10
C ASN A 255 -26.34 -7.54 9.56
N TYR A 256 -25.16 -6.96 9.34
CA TYR A 256 -25.05 -5.59 8.87
C TYR A 256 -24.12 -5.54 7.67
N TRP A 257 -24.53 -4.80 6.63
CA TRP A 257 -23.66 -4.75 5.45
C TRP A 257 -22.36 -4.00 5.73
N ILE A 258 -21.26 -4.52 5.24
CA ILE A 258 -19.96 -3.83 5.15
C ILE A 258 -19.91 -3.34 3.70
N ARG A 259 -19.68 -2.05 3.50
CA ARG A 259 -19.78 -1.44 2.17
C ARG A 259 -18.45 -0.85 1.71
N ALA A 260 -18.01 -1.14 0.49
CA ALA A 260 -16.76 -0.53 0.00
C ALA A 260 -17.06 -0.16 -1.46
N GLN A 261 -17.41 1.09 -1.70
CA GLN A 261 -17.83 1.54 -3.03
C GLN A 261 -16.66 2.19 -3.77
N PRO A 262 -16.25 1.57 -4.85
CA PRO A 262 -15.12 2.06 -5.65
C PRO A 262 -15.40 3.32 -6.46
N ASN A 263 -14.33 4.05 -6.87
CA ASN A 263 -14.58 5.25 -7.67
C ASN A 263 -14.71 4.90 -9.15
N LYS A 264 -14.36 3.69 -9.51
CA LYS A 264 -14.50 3.25 -10.88
C LYS A 264 -14.79 1.76 -10.87
N GLY A 265 -15.27 1.26 -12.00
CA GLY A 265 -15.57 -0.16 -12.11
C GLY A 265 -16.46 -0.42 -13.31
N ARG A 266 -16.41 -1.64 -13.76
CA ARG A 266 -17.19 -2.09 -14.90
C ARG A 266 -18.67 -2.32 -14.61
N ASN A 267 -19.46 -2.00 -15.64
CA ASN A 267 -20.89 -2.26 -15.61
C ASN A 267 -21.60 -1.62 -14.44
N GLY A 268 -21.18 -0.40 -14.10
CA GLY A 268 -21.81 0.39 -13.05
C GLY A 268 -21.39 0.02 -11.64
N LEU A 269 -20.33 -0.76 -11.50
CA LEU A 269 -19.83 -1.15 -10.18
C LEU A 269 -19.59 0.02 -9.25
N ALA A 270 -19.14 1.17 -9.75
CA ALA A 270 -18.90 2.34 -8.93
C ALA A 270 -20.16 2.93 -8.37
N GLY A 271 -21.34 2.59 -8.91
CA GLY A 271 -22.53 3.28 -8.45
C GLY A 271 -23.59 2.44 -7.78
N THR A 272 -23.27 1.21 -7.42
CA THR A 272 -24.34 0.38 -6.84
C THR A 272 -23.79 -0.61 -5.84
N PHE A 273 -24.71 -1.19 -5.06
CA PHE A 273 -24.45 -2.30 -4.16
C PHE A 273 -25.44 -3.42 -4.53
N ALA A 274 -26.14 -3.26 -5.65
CA ALA A 274 -27.15 -4.26 -6.01
C ALA A 274 -26.61 -5.66 -6.14
N ASN A 275 -27.39 -6.62 -5.63
CA ASN A 275 -27.09 -8.03 -5.62
C ASN A 275 -25.82 -8.35 -4.81
N GLY A 276 -25.47 -7.49 -3.85
CA GLY A 276 -24.33 -7.79 -3.03
C GLY A 276 -22.95 -7.48 -3.60
N VAL A 277 -22.89 -6.68 -4.66
CA VAL A 277 -21.53 -6.27 -5.12
C VAL A 277 -21.00 -5.23 -4.12
N ASN A 278 -19.67 -5.09 -4.05
CA ASN A 278 -19.03 -4.10 -3.17
C ASN A 278 -19.45 -4.30 -1.70
N SER A 279 -19.67 -5.55 -1.35
CA SER A 279 -20.23 -5.83 -0.04
C SER A 279 -19.64 -7.04 0.66
N ALA A 280 -19.68 -6.96 1.99
CA ALA A 280 -19.35 -8.13 2.84
C ALA A 280 -20.35 -8.05 3.99
N ILE A 281 -20.26 -9.02 4.93
CA ILE A 281 -21.27 -9.07 5.99
C ILE A 281 -20.64 -9.00 7.37
N LEU A 282 -21.14 -8.07 8.19
CA LEU A 282 -20.76 -8.06 9.60
C LEU A 282 -21.81 -8.87 10.35
N ARG A 283 -21.43 -10.02 10.92
CA ARG A 283 -22.42 -10.88 11.57
C ARG A 283 -22.22 -10.96 13.07
N TYR A 284 -23.23 -10.58 13.84
CA TYR A 284 -23.19 -10.74 15.30
C TYR A 284 -23.49 -12.20 15.65
N ALA A 285 -22.74 -12.71 16.64
CA ALA A 285 -23.01 -14.07 17.13
C ALA A 285 -24.48 -14.12 17.59
N GLY A 286 -25.21 -15.11 17.11
CA GLY A 286 -26.64 -15.22 17.39
C GLY A 286 -27.48 -14.80 16.20
N ALA A 287 -26.89 -14.01 15.27
CA ALA A 287 -27.70 -13.60 14.11
C ALA A 287 -27.82 -14.76 13.15
N ALA A 288 -28.75 -14.62 12.20
CA ALA A 288 -29.00 -15.71 11.27
C ALA A 288 -27.97 -15.84 10.18
N ASN A 289 -27.94 -17.02 9.56
CA ASN A 289 -27.11 -17.24 8.38
C ASN A 289 -27.89 -16.68 7.21
N ALA A 290 -27.80 -15.37 7.02
CA ALA A 290 -28.52 -14.66 5.98
C ALA A 290 -27.89 -13.31 5.65
N ASP A 291 -28.29 -12.76 4.51
CA ASP A 291 -27.78 -11.42 4.17
C ASP A 291 -28.43 -10.37 5.05
N PRO A 292 -27.70 -9.28 5.29
CA PRO A 292 -28.22 -8.11 5.94
C PRO A 292 -29.35 -7.49 5.11
N THR A 293 -30.22 -6.76 5.79
CA THR A 293 -31.27 -6.02 5.10
C THR A 293 -31.19 -4.56 5.59
N THR A 294 -30.01 -4.21 6.09
CA THR A 294 -29.71 -2.90 6.62
C THR A 294 -29.42 -1.87 5.52
N SER A 295 -29.46 -0.59 5.93
CA SER A 295 -29.13 0.48 4.97
C SER A 295 -28.09 1.42 5.58
N ALA A 296 -27.31 2.08 4.70
CA ALA A 296 -26.29 2.99 5.19
C ALA A 296 -26.87 4.21 5.88
N ASN A 297 -26.07 4.80 6.78
CA ASN A 297 -26.54 6.04 7.41
C ASN A 297 -26.68 7.06 6.29
N PRO A 298 -27.85 7.68 6.18
CA PRO A 298 -28.13 8.66 5.14
C PRO A 298 -27.47 10.01 5.34
N ASN A 299 -26.82 10.27 6.46
CA ASN A 299 -26.13 11.55 6.70
C ASN A 299 -24.84 11.29 7.48
N PRO A 300 -23.91 10.59 6.84
CA PRO A 300 -22.68 10.21 7.54
C PRO A 300 -21.70 11.33 7.82
N ALA A 301 -20.93 11.16 8.90
CA ALA A 301 -19.81 12.07 9.18
C ALA A 301 -18.68 11.46 8.31
N GLN A 302 -18.20 12.20 7.34
CA GLN A 302 -17.17 11.70 6.42
C GLN A 302 -15.77 12.11 6.90
N LEU A 303 -14.84 11.14 6.92
CA LEU A 303 -13.48 11.48 7.28
C LEU A 303 -12.88 12.60 6.42
N ASN A 304 -12.22 13.51 7.14
CA ASN A 304 -11.41 14.54 6.48
C ASN A 304 -10.02 14.33 7.11
N GLU A 305 -9.02 14.09 6.26
CA GLU A 305 -7.67 13.79 6.73
C GLU A 305 -7.10 14.86 7.65
N ALA A 306 -7.51 16.12 7.42
CA ALA A 306 -7.04 17.23 8.22
C ALA A 306 -7.54 17.19 9.65
N ASP A 307 -8.50 16.32 9.94
CA ASP A 307 -9.03 16.11 11.26
C ASP A 307 -8.26 15.06 12.05
N LEU A 308 -7.42 14.29 11.34
CA LEU A 308 -6.64 13.27 12.00
C LEU A 308 -5.38 13.84 12.61
N HIS A 309 -5.11 13.46 13.87
CA HIS A 309 -3.94 14.03 14.54
C HIS A 309 -3.04 12.96 15.11
N ALA A 310 -1.72 13.14 14.83
CA ALA A 310 -0.76 12.17 15.35
C ALA A 310 -0.79 12.08 16.88
N LEU A 311 -0.55 10.89 17.39
CA LEU A 311 -0.56 10.69 18.83
C LEU A 311 0.80 10.85 19.50
N ILE A 312 1.80 10.17 18.96
CA ILE A 312 3.15 10.14 19.54
C ILE A 312 4.10 11.05 18.78
N ASP A 313 4.86 11.90 19.47
CA ASP A 313 5.73 12.87 18.82
C ASP A 313 5.01 13.62 17.71
N PRO A 314 3.93 14.32 18.03
CA PRO A 314 3.01 14.92 17.08
C PRO A 314 3.53 16.04 16.21
N ALA A 315 4.51 16.80 16.69
CA ALA A 315 4.92 17.97 15.95
C ALA A 315 5.55 17.57 14.62
N ALA A 316 5.21 18.38 13.60
CA ALA A 316 5.88 18.15 12.32
C ALA A 316 7.31 18.66 12.55
N PRO A 317 8.27 18.08 11.85
CA PRO A 317 9.66 18.51 11.98
C PRO A 317 9.87 19.89 11.39
N GLY A 318 10.88 20.59 11.91
CA GLY A 318 11.28 21.86 11.33
C GLY A 318 10.51 23.09 11.74
N ILE A 319 10.92 24.22 11.15
CA ILE A 319 10.29 25.51 11.47
C ILE A 319 8.85 25.49 11.02
N PRO A 320 7.91 25.83 11.88
CA PRO A 320 6.48 25.73 11.56
C PRO A 320 5.93 26.83 10.69
N THR A 321 6.47 26.98 9.51
CA THR A 321 6.16 27.96 8.49
C THR A 321 6.31 27.31 7.14
N PRO A 322 5.31 27.41 6.27
CA PRO A 322 5.36 26.81 4.95
C PRO A 322 6.60 27.27 4.21
N GLY A 323 7.34 26.30 3.62
CA GLY A 323 8.53 26.65 2.87
C GLY A 323 9.76 26.94 3.73
N ALA A 324 9.69 26.64 5.03
CA ALA A 324 10.82 26.95 5.91
C ALA A 324 11.59 25.72 6.37
N ALA A 325 11.41 24.64 5.61
CA ALA A 325 12.20 23.43 5.90
C ALA A 325 13.64 23.67 5.46
N ASP A 326 14.54 22.73 5.77
CA ASP A 326 15.91 22.85 5.30
C ASP A 326 15.95 22.63 3.79
N VAL A 327 15.13 21.68 3.29
CA VAL A 327 15.11 21.34 1.87
C VAL A 327 13.65 21.50 1.41
N ASN A 328 13.37 22.38 0.45
CA ASN A 328 11.99 22.65 0.06
C ASN A 328 11.76 22.34 -1.41
N LEU A 329 11.06 21.23 -1.70
CA LEU A 329 10.96 20.83 -3.11
C LEU A 329 9.53 20.87 -3.58
N ARG A 330 9.34 21.49 -4.74
CA ARG A 330 7.98 21.55 -5.30
C ARG A 330 8.00 20.70 -6.56
N PHE A 331 7.12 19.71 -6.70
CA PHE A 331 7.15 18.89 -7.89
C PHE A 331 5.97 19.20 -8.80
N GLN A 332 6.27 19.42 -10.06
CA GLN A 332 5.27 19.71 -11.07
C GLN A 332 4.98 18.44 -11.86
N LEU A 333 3.76 17.90 -11.63
CA LEU A 333 3.36 16.72 -12.39
C LEU A 333 2.79 17.18 -13.74
N GLY A 334 3.03 16.32 -14.70
CA GLY A 334 2.56 16.53 -16.06
C GLY A 334 2.17 15.25 -16.76
N PHE A 335 1.55 15.46 -17.93
CA PHE A 335 1.13 14.35 -18.76
C PHE A 335 1.30 14.84 -20.21
N SER A 336 2.31 14.30 -20.85
CA SER A 336 2.59 14.72 -22.22
C SER A 336 3.20 13.59 -23.03
N GLY A 337 2.69 13.50 -24.27
CA GLY A 337 3.20 12.48 -25.17
C GLY A 337 2.90 11.09 -24.66
N GLY A 338 1.72 10.86 -24.09
CA GLY A 338 1.33 9.56 -23.59
C GLY A 338 1.92 9.15 -22.26
N ARG A 339 2.76 9.94 -21.63
CA ARG A 339 3.39 9.58 -20.37
C ARG A 339 3.29 10.63 -19.28
N PHE A 340 3.21 10.13 -18.03
CA PHE A 340 3.20 11.05 -16.91
C PHE A 340 4.66 11.51 -16.70
N THR A 341 4.79 12.74 -16.24
CA THR A 341 6.13 13.29 -16.00
C THR A 341 6.15 14.01 -14.65
N ILE A 342 7.35 14.05 -14.06
CA ILE A 342 7.54 14.86 -12.84
C ILE A 342 8.66 15.82 -13.25
N ASN A 343 8.40 17.11 -13.20
CA ASN A 343 9.39 18.08 -13.66
C ASN A 343 9.94 17.80 -15.04
N GLY A 344 9.03 17.40 -15.94
CA GLY A 344 9.33 17.14 -17.32
C GLY A 344 9.88 15.78 -17.66
N THR A 345 10.14 14.94 -16.66
CA THR A 345 10.72 13.65 -16.91
C THR A 345 9.85 12.47 -16.51
N ALA A 346 9.59 11.60 -17.47
CA ALA A 346 8.86 10.36 -17.23
C ALA A 346 9.79 9.31 -16.67
N TYR A 347 9.43 8.72 -15.53
CA TYR A 347 10.24 7.68 -14.92
C TYR A 347 10.35 6.46 -15.80
N GLU A 348 11.57 5.95 -15.95
CA GLU A 348 11.86 4.75 -16.71
C GLU A 348 12.93 3.98 -15.91
N SER A 349 12.66 2.71 -15.64
CA SER A 349 13.56 1.94 -14.80
C SER A 349 14.94 1.82 -15.39
N PRO A 350 15.97 2.03 -14.62
CA PRO A 350 17.36 1.91 -15.07
C PRO A 350 17.81 0.48 -15.18
N SER A 351 18.89 0.25 -15.94
CA SER A 351 19.38 -1.12 -16.09
C SER A 351 20.04 -1.61 -14.81
N VAL A 352 20.64 -0.71 -14.02
CA VAL A 352 21.22 -1.17 -12.74
C VAL A 352 20.42 -0.48 -11.64
N PRO A 353 19.95 -1.20 -10.65
CA PRO A 353 19.11 -0.59 -9.60
C PRO A 353 19.87 0.47 -8.82
N THR A 354 19.20 1.54 -8.43
CA THR A 354 19.87 2.66 -7.76
C THR A 354 20.80 2.20 -6.64
N LEU A 355 20.38 1.32 -5.73
CA LEU A 355 21.29 0.97 -4.63
C LEU A 355 22.58 0.32 -5.13
N LEU A 356 22.52 -0.49 -6.16
CA LEU A 356 23.75 -1.07 -6.73
C LEU A 356 24.59 -0.02 -7.44
N GLN A 357 23.99 0.97 -8.10
CA GLN A 357 24.72 2.08 -8.69
C GLN A 357 25.56 2.78 -7.59
N ILE A 358 24.94 2.96 -6.41
CA ILE A 358 25.63 3.64 -5.32
C ILE A 358 26.69 2.75 -4.71
N MET A 359 26.40 1.45 -4.54
CA MET A 359 27.42 0.55 -4.02
C MET A 359 28.60 0.37 -5.00
N SER A 360 28.43 0.64 -6.28
CA SER A 360 29.50 0.53 -7.25
C SER A 360 30.38 1.77 -7.31
N GLY A 361 29.95 2.91 -6.77
CA GLY A 361 30.79 4.09 -6.75
C GLY A 361 30.14 5.41 -6.99
N ALA A 362 28.83 5.46 -7.29
CA ALA A 362 28.22 6.75 -7.56
C ALA A 362 28.30 7.65 -6.33
N GLN A 363 28.86 8.84 -6.47
CA GLN A 363 29.07 9.77 -5.38
C GLN A 363 27.99 10.82 -5.22
N SER A 364 27.34 11.18 -6.32
CA SER A 364 26.27 12.17 -6.30
C SER A 364 25.12 11.73 -7.19
N ALA A 365 24.00 12.44 -7.12
CA ALA A 365 22.81 12.14 -7.91
C ALA A 365 23.06 12.30 -9.41
N ASN A 366 24.02 13.18 -9.71
CA ASN A 366 24.41 13.46 -11.09
C ASN A 366 24.99 12.21 -11.73
N ASP A 367 25.58 11.32 -10.94
CA ASP A 367 26.14 10.08 -11.44
C ASP A 367 25.09 8.96 -11.56
N LEU A 368 23.88 9.17 -11.04
CA LEU A 368 22.85 8.16 -11.03
C LEU A 368 21.86 8.21 -12.18
N LEU A 369 21.38 7.03 -12.56
CA LEU A 369 20.40 6.86 -13.62
C LEU A 369 19.10 6.37 -12.99
N PRO A 370 18.00 6.71 -13.61
CA PRO A 370 17.89 7.51 -14.80
C PRO A 370 17.92 9.02 -14.61
N ALA A 371 18.56 9.66 -15.60
CA ALA A 371 18.70 11.10 -15.65
C ALA A 371 17.35 11.78 -15.50
N GLY A 372 17.27 12.80 -14.67
CA GLY A 372 16.05 13.57 -14.54
C GLY A 372 15.03 13.00 -13.58
N SER A 373 15.27 11.82 -13.04
CA SER A 373 14.33 11.24 -12.10
C SER A 373 14.91 11.11 -10.70
N VAL A 374 16.20 11.37 -10.54
CA VAL A 374 16.81 11.15 -9.20
C VAL A 374 17.14 12.48 -8.55
N TYR A 375 16.70 12.64 -7.31
CA TYR A 375 16.89 13.85 -6.52
C TYR A 375 17.68 13.49 -5.26
N GLU A 376 18.85 14.08 -5.08
CA GLU A 376 19.65 13.79 -3.90
C GLU A 376 19.10 14.51 -2.69
N LEU A 377 19.19 13.87 -1.53
CA LEU A 377 18.80 14.57 -0.30
C LEU A 377 19.99 14.46 0.65
N PRO A 378 20.19 15.49 1.45
CA PRO A 378 21.27 15.54 2.43
C PRO A 378 20.91 14.73 3.67
N ARG A 379 21.86 14.51 4.57
CA ARG A 379 21.64 13.79 5.80
C ARG A 379 21.08 14.66 6.91
N ASN A 380 20.09 14.14 7.63
CA ASN A 380 19.57 14.71 8.86
C ASN A 380 19.08 16.15 8.73
N GLN A 381 18.22 16.31 7.71
CA GLN A 381 17.65 17.63 7.44
C GLN A 381 16.13 17.44 7.35
N VAL A 382 15.42 18.56 7.45
CA VAL A 382 13.97 18.52 7.32
C VAL A 382 13.61 18.84 5.88
N VAL A 383 12.87 17.92 5.25
CA VAL A 383 12.46 18.08 3.87
C VAL A 383 10.96 18.36 3.84
N GLU A 384 10.60 19.33 3.00
CA GLU A 384 9.17 19.62 2.82
C GLU A 384 8.92 19.44 1.32
N LEU A 385 7.91 18.64 0.97
CA LEU A 385 7.60 18.41 -0.43
C LEU A 385 6.18 18.95 -0.70
N VAL A 386 6.06 19.72 -1.78
CA VAL A 386 4.73 20.24 -2.15
C VAL A 386 4.41 19.61 -3.50
N VAL A 387 3.27 18.88 -3.66
CA VAL A 387 3.00 18.23 -4.93
C VAL A 387 1.57 18.60 -5.35
N PRO A 388 1.39 19.74 -5.99
CA PRO A 388 0.07 20.22 -6.39
C PRO A 388 -0.67 19.25 -7.30
N ALA A 389 -1.98 19.12 -7.04
CA ALA A 389 -2.79 18.24 -7.92
C ALA A 389 -3.19 19.01 -9.18
N GLY A 390 -3.80 18.29 -10.11
CA GLY A 390 -4.24 18.92 -11.37
C GLY A 390 -4.02 17.96 -12.52
N VAL A 391 -2.92 17.22 -12.53
CA VAL A 391 -2.64 16.28 -13.61
C VAL A 391 -3.76 15.24 -13.72
N LEU A 392 -4.13 14.89 -14.98
CA LEU A 392 -5.26 13.98 -15.15
C LEU A 392 -5.07 12.62 -14.50
N GLY A 393 -6.23 11.98 -14.30
CA GLY A 393 -6.23 10.65 -13.72
C GLY A 393 -6.27 10.63 -12.19
N GLY A 394 -6.43 11.76 -11.55
CA GLY A 394 -6.49 11.76 -10.08
C GLY A 394 -7.79 11.21 -9.52
N PRO A 395 -7.85 11.23 -8.19
CA PRO A 395 -6.79 11.68 -7.32
C PRO A 395 -5.64 10.71 -7.21
N HIS A 396 -4.40 11.26 -7.26
CA HIS A 396 -3.23 10.42 -7.24
C HIS A 396 -2.71 10.27 -5.81
N PRO A 397 -2.62 9.07 -5.32
CA PRO A 397 -2.17 8.81 -3.96
C PRO A 397 -0.68 8.51 -4.02
N PHE A 398 0.16 9.47 -3.62
CA PHE A 398 1.59 9.21 -3.67
C PHE A 398 2.14 8.57 -2.40
N HIS A 399 3.11 7.68 -2.61
CA HIS A 399 3.71 6.98 -1.47
C HIS A 399 5.22 7.18 -1.43
N LEU A 400 5.68 7.40 -0.21
CA LEU A 400 7.12 7.55 -0.01
C LEU A 400 7.66 6.31 0.71
N HIS A 401 8.68 5.69 0.09
CA HIS A 401 9.31 4.54 0.69
C HIS A 401 10.32 5.07 1.73
N GLY A 402 10.68 4.22 2.70
CA GLY A 402 11.72 4.57 3.66
C GLY A 402 11.32 5.44 4.82
N HIS A 403 10.15 6.10 4.79
CA HIS A 403 9.74 7.03 5.80
C HIS A 403 8.21 7.15 5.95
N ALA A 404 7.76 7.55 7.11
CA ALA A 404 6.40 8.06 7.23
C ALA A 404 6.54 9.60 7.15
N PHE A 405 5.51 10.34 6.75
CA PHE A 405 5.72 11.80 6.73
C PHE A 405 4.55 12.49 7.44
N SER A 406 4.75 13.74 7.87
CA SER A 406 3.64 14.48 8.46
C SER A 406 2.94 15.22 7.33
N VAL A 407 1.62 15.11 7.29
CA VAL A 407 0.90 15.84 6.22
C VAL A 407 0.52 17.20 6.80
N VAL A 408 1.40 18.18 6.59
CA VAL A 408 1.15 19.50 7.16
C VAL A 408 0.01 20.22 6.44
N ARG A 409 -0.26 19.82 5.20
CA ARG A 409 -1.41 20.42 4.47
C ARG A 409 -2.06 19.31 3.65
N SER A 410 -3.32 19.00 4.03
CA SER A 410 -4.01 17.96 3.23
C SER A 410 -4.81 18.53 2.07
N ALA A 411 -5.36 17.63 1.24
CA ALA A 411 -6.21 17.98 0.11
C ALA A 411 -7.47 18.61 0.72
N GLY A 412 -7.99 19.59 0.01
CA GLY A 412 -9.23 20.25 0.46
C GLY A 412 -9.08 21.25 1.57
N SER A 413 -7.86 21.46 2.05
CA SER A 413 -7.59 22.38 3.14
C SER A 413 -6.63 23.44 2.64
N SER A 414 -6.81 24.68 3.10
CA SER A 414 -5.90 25.75 2.71
C SER A 414 -4.99 26.03 3.91
N THR A 415 -5.26 25.34 5.00
CA THR A 415 -4.58 25.58 6.26
C THR A 415 -3.48 24.54 6.48
N TYR A 416 -2.49 24.95 7.26
CA TYR A 416 -1.39 24.06 7.60
C TYR A 416 -1.50 23.68 9.07
N ASN A 417 -0.95 22.53 9.42
CA ASN A 417 -0.92 22.11 10.82
C ASN A 417 0.50 21.57 11.07
N PHE A 418 1.23 22.33 11.89
CA PHE A 418 2.59 21.89 12.24
C PHE A 418 2.66 21.38 13.68
N VAL A 419 1.57 21.48 14.41
CA VAL A 419 1.53 21.08 15.80
C VAL A 419 1.28 19.59 16.01
N ASN A 420 0.31 19.04 15.25
CA ASN A 420 0.01 17.63 15.42
C ASN A 420 -0.71 17.03 14.22
N PRO A 421 -0.17 17.27 13.04
CA PRO A 421 -0.74 16.72 11.81
C PRO A 421 -0.56 15.21 11.85
N VAL A 422 -1.42 14.58 11.07
CA VAL A 422 -1.34 13.13 10.92
C VAL A 422 -0.05 12.74 10.20
N LYS A 423 0.52 11.60 10.62
CA LYS A 423 1.70 11.06 9.91
C LYS A 423 1.19 9.83 9.14
N ARG A 424 1.66 9.64 7.90
CA ARG A 424 1.20 8.47 7.14
C ARG A 424 2.20 8.16 6.04
N ASP A 425 1.85 7.21 5.14
CA ASP A 425 2.86 6.92 4.11
C ASP A 425 2.30 6.92 2.71
N VAL A 426 1.02 7.08 2.52
CA VAL A 426 0.38 7.26 1.21
C VAL A 426 -0.57 8.44 1.38
N VAL A 427 -0.47 9.44 0.50
CA VAL A 427 -1.37 10.60 0.70
C VAL A 427 -2.01 10.98 -0.63
N SER A 428 -3.35 11.18 -0.62
CA SER A 428 -3.95 11.65 -1.89
C SER A 428 -3.61 13.12 -2.14
N LEU A 429 -3.19 13.43 -3.38
CA LEU A 429 -2.90 14.83 -3.71
C LEU A 429 -4.19 15.62 -3.93
N GLY A 430 -5.37 14.99 -4.04
CA GLY A 430 -6.58 15.79 -4.16
C GLY A 430 -6.91 16.19 -5.60
N VAL A 431 -7.45 17.40 -5.73
CA VAL A 431 -7.93 17.91 -7.01
C VAL A 431 -7.27 19.24 -7.34
N THR A 432 -7.46 19.75 -8.56
CA THR A 432 -6.90 21.06 -8.92
C THR A 432 -7.18 22.11 -7.86
N GLY A 433 -6.14 22.82 -7.43
CA GLY A 433 -6.19 23.83 -6.41
C GLY A 433 -5.57 23.32 -5.10
N ASP A 434 -5.51 21.99 -4.95
CA ASP A 434 -4.90 21.45 -3.73
C ASP A 434 -3.38 21.51 -3.83
N GLU A 435 -2.71 21.68 -2.68
CA GLU A 435 -1.25 21.74 -2.69
C GLU A 435 -0.77 20.97 -1.44
N VAL A 436 -0.99 19.66 -1.55
CA VAL A 436 -0.62 18.73 -0.46
C VAL A 436 0.87 18.89 -0.15
N THR A 437 1.12 19.07 1.14
CA THR A 437 2.48 19.39 1.61
C THR A 437 2.86 18.44 2.73
N ILE A 438 4.00 17.77 2.58
CA ILE A 438 4.41 16.77 3.57
C ILE A 438 5.84 17.01 4.06
N ARG A 439 6.10 16.54 5.29
CA ARG A 439 7.47 16.71 5.80
C ARG A 439 8.00 15.43 6.41
N PHE A 440 9.32 15.27 6.29
CA PHE A 440 10.02 14.15 6.94
C PHE A 440 11.49 14.54 7.15
N VAL A 441 12.19 13.76 7.97
CA VAL A 441 13.63 13.98 8.24
C VAL A 441 14.45 12.96 7.46
N THR A 442 15.57 13.36 6.94
CA THR A 442 16.44 12.45 6.16
C THR A 442 17.35 11.65 7.07
N ASP A 443 16.71 10.69 7.73
CA ASP A 443 17.32 9.82 8.70
C ASP A 443 17.54 8.40 8.21
N ASN A 444 17.56 8.18 6.90
CA ASN A 444 17.63 6.78 6.43
C ASN A 444 18.40 6.69 5.13
N PRO A 445 19.70 6.50 5.20
CA PRO A 445 20.57 6.45 4.05
C PRO A 445 20.19 5.37 3.04
N GLY A 446 20.02 5.82 1.78
CA GLY A 446 19.70 4.90 0.72
C GLY A 446 18.74 5.54 -0.28
N PRO A 447 18.56 4.87 -1.41
CA PRO A 447 17.66 5.31 -2.46
C PRO A 447 16.22 4.90 -2.21
N TRP A 448 15.28 5.84 -2.19
CA TRP A 448 13.88 5.51 -1.89
C TRP A 448 12.90 6.00 -2.96
N PHE A 449 11.98 5.14 -3.41
CA PHE A 449 10.99 5.56 -4.39
C PHE A 449 9.96 6.52 -3.78
N PHE A 450 9.47 7.42 -4.61
CA PHE A 450 8.41 8.38 -4.33
C PHE A 450 7.54 8.42 -5.59
N HIS A 451 6.34 7.84 -5.51
CA HIS A 451 5.50 7.76 -6.69
C HIS A 451 4.02 7.59 -6.43
N CYS A 452 3.28 7.79 -7.52
CA CYS A 452 1.85 7.52 -7.46
C CYS A 452 1.67 6.01 -7.34
N HIS A 453 0.83 5.61 -6.33
CA HIS A 453 0.65 4.17 -6.09
C HIS A 453 -0.40 3.55 -7.00
N ILE A 454 -1.04 4.32 -7.84
CA ILE A 454 -1.92 3.77 -8.88
C ILE A 454 -0.94 3.06 -9.81
N GLU A 455 -0.94 1.75 -9.87
CA GLU A 455 0.07 0.98 -10.61
C GLU A 455 0.21 1.32 -12.08
N PHE A 456 -0.89 1.58 -12.78
CA PHE A 456 -0.85 1.97 -14.19
C PHE A 456 -0.17 3.32 -14.37
N HIS A 457 -0.19 4.20 -13.34
CA HIS A 457 0.45 5.51 -13.47
C HIS A 457 1.94 5.44 -13.24
N LEU A 458 2.37 4.67 -12.24
CA LEU A 458 3.76 4.42 -11.93
C LEU A 458 4.41 3.83 -13.20
N MET A 459 3.73 2.84 -13.79
CA MET A 459 4.21 2.23 -15.03
C MET A 459 4.24 3.16 -16.25
N ASN A 460 3.48 4.22 -16.28
CA ASN A 460 3.45 5.22 -17.32
C ASN A 460 4.23 6.47 -16.97
N GLY A 461 5.12 6.37 -15.96
CA GLY A 461 6.05 7.43 -15.65
C GLY A 461 5.97 8.27 -14.40
N LEU A 462 4.93 8.11 -13.57
CA LEU A 462 4.74 9.02 -12.44
C LEU A 462 5.51 8.63 -11.19
N ALA A 463 6.81 8.93 -11.21
CA ALA A 463 7.68 8.58 -10.08
C ALA A 463 9.01 9.30 -10.15
N ILE A 464 9.65 9.39 -8.98
CA ILE A 464 11.02 9.87 -8.88
C ILE A 464 11.69 9.04 -7.77
N VAL A 465 13.00 9.11 -7.72
CA VAL A 465 13.77 8.43 -6.68
C VAL A 465 14.56 9.48 -5.90
N PHE A 466 14.56 9.30 -4.58
CA PHE A 466 15.36 10.13 -3.70
C PHE A 466 16.63 9.36 -3.32
N ALA A 467 17.78 9.92 -3.68
CA ALA A 467 19.05 9.28 -3.26
C ALA A 467 19.40 9.97 -1.95
N GLU A 468 18.96 9.39 -0.84
CA GLU A 468 19.10 10.02 0.47
C GLU A 468 20.40 9.69 1.16
N ASP A 469 21.14 10.72 1.55
CA ASP A 469 22.41 10.50 2.27
C ASP A 469 23.31 9.47 1.62
N MET A 470 23.72 9.81 0.41
CA MET A 470 24.60 8.97 -0.38
C MET A 470 25.88 8.63 0.35
N ALA A 471 26.50 9.62 1.01
CA ALA A 471 27.78 9.35 1.69
C ALA A 471 27.71 8.24 2.72
N ASN A 472 26.56 8.01 3.39
CA ASN A 472 26.49 7.02 4.44
C ASN A 472 25.72 5.78 3.98
N THR A 473 25.43 5.72 2.67
CA THR A 473 24.66 4.59 2.16
C THR A 473 25.39 3.28 2.20
N VAL A 474 26.69 3.27 1.82
CA VAL A 474 27.43 2.02 1.89
C VAL A 474 27.58 1.53 3.32
N ASP A 475 27.90 2.42 4.28
CA ASP A 475 28.05 2.03 5.67
C ASP A 475 26.76 1.51 6.30
N ALA A 476 25.65 2.16 5.93
CA ALA A 476 24.38 1.77 6.55
C ALA A 476 23.79 0.43 6.12
N ASN A 477 24.01 0.06 4.88
CA ASN A 477 23.41 -1.12 4.26
C ASN A 477 24.37 -2.22 3.96
N ASN A 478 24.09 -3.47 4.39
CA ASN A 478 25.00 -4.58 4.11
C ASN A 478 24.25 -5.76 3.50
N PRO A 479 23.97 -5.65 2.22
CA PRO A 479 23.26 -6.68 1.47
C PRO A 479 24.02 -7.98 1.48
N PRO A 480 23.30 -9.09 1.47
CA PRO A 480 23.90 -10.42 1.38
C PRO A 480 24.52 -10.60 0.01
N VAL A 481 25.42 -11.57 -0.18
CA VAL A 481 26.06 -11.81 -1.47
C VAL A 481 25.05 -12.14 -2.55
N GLU A 482 23.96 -12.79 -2.21
CA GLU A 482 22.89 -13.15 -3.13
C GLU A 482 22.16 -11.93 -3.66
N TRP A 483 22.20 -10.77 -2.97
CA TRP A 483 21.51 -9.59 -3.47
C TRP A 483 22.06 -9.06 -4.79
N ALA A 484 23.35 -8.82 -4.95
CA ALA A 484 23.85 -8.31 -6.22
C ALA A 484 23.72 -9.39 -7.30
N GLN A 485 23.77 -10.65 -6.91
CA GLN A 485 23.64 -11.76 -7.84
C GLN A 485 22.27 -11.83 -8.48
N LEU A 486 21.26 -11.19 -7.86
CA LEU A 486 19.98 -11.11 -8.55
C LEU A 486 20.09 -10.51 -9.95
N CYS A 487 20.82 -9.40 -10.10
CA CYS A 487 20.93 -8.71 -11.38
C CYS A 487 21.66 -9.55 -12.43
N GLU A 488 22.66 -10.30 -11.99
CA GLU A 488 23.39 -11.13 -12.97
C GLU A 488 22.48 -12.26 -13.45
N ILE A 489 21.75 -12.88 -12.53
CA ILE A 489 20.81 -13.95 -12.89
C ILE A 489 19.70 -13.40 -13.75
N TYR A 490 19.18 -12.23 -13.38
CA TYR A 490 18.11 -11.61 -14.15
C TYR A 490 18.50 -11.22 -15.57
N ASP A 491 19.64 -10.57 -15.72
CA ASP A 491 20.15 -10.11 -17.00
C ASP A 491 20.52 -11.25 -17.93
N ASP A 492 20.76 -12.44 -17.43
CA ASP A 492 21.12 -13.60 -18.22
C ASP A 492 19.91 -14.38 -18.70
N LEU A 493 18.72 -14.04 -18.20
CA LEU A 493 17.52 -14.78 -18.60
C LEU A 493 17.31 -14.83 -20.11
N PRO A 494 16.95 -16.01 -20.60
CA PRO A 494 16.62 -16.21 -22.00
C PRO A 494 15.26 -15.55 -22.25
N PRO A 495 14.98 -15.24 -23.50
CA PRO A 495 13.76 -14.60 -23.95
C PRO A 495 12.49 -15.32 -23.55
N GLU A 496 12.46 -16.65 -23.56
CA GLU A 496 11.27 -17.42 -23.19
C GLU A 496 10.94 -17.35 -21.70
N ALA A 497 11.93 -16.99 -20.88
CA ALA A 497 11.76 -16.91 -19.44
C ALA A 497 11.03 -15.63 -19.04
N THR A 498 11.02 -14.61 -19.89
CA THR A 498 10.37 -13.36 -19.54
C THR A 498 9.31 -12.92 -20.54
N SER A 499 9.07 -13.74 -21.56
CA SER A 499 8.06 -13.39 -22.54
C SER A 499 6.69 -13.31 -21.87
N ILE A 500 5.89 -12.40 -22.43
CA ILE A 500 4.55 -12.20 -21.92
C ILE A 500 3.58 -12.56 -23.05
N GLN A 501 2.71 -13.49 -22.69
CA GLN A 501 1.69 -13.97 -23.60
C GLN A 501 0.44 -13.12 -23.40
N THR A 502 0.15 -12.25 -24.37
CA THR A 502 -1.05 -11.44 -24.22
C THR A 502 -2.25 -12.30 -24.59
N VAL A 503 -3.31 -11.99 -23.84
CA VAL A 503 -4.52 -12.82 -23.93
C VAL A 503 -5.78 -11.99 -23.91
#